data_7WHA
#
_entry.id   7WHA
#
_cell.length_a   68.165
_cell.length_b   85.939
_cell.length_c   97.831
_cell.angle_alpha   90.000
_cell.angle_beta   90.000
_cell.angle_gamma   90.000
#
_symmetry.space_group_name_H-M   'P 2 21 21'
#
loop_
_entity.id
_entity.type
_entity.pdbx_description
1 polymer Beta-xylanase
2 non-polymer 2-acetamido-2-deoxy-beta-D-glucopyranose
3 non-polymer GLYCEROL
4 water water
#
_entity_poly.entity_id   1
_entity_poly.type   'polypeptide(L)'
_entity_poly.pdbx_seq_one_letter_code
;EAEAAGLNTAAKAKGLKYFGSATDNPELTDSAYVAQLSNTDDFGQITPGNSMKWDATEPSQNSFSFANGDAVVNLANKNG
QLMRCHTLVWHSQLPNWVSSGSWTNATLLAAMKNHITNVVTHYKGKCYAWDVVNEALNEDGTFRNSVFYQIIGPAYIPIA
FATAAAADPDVKLYYNDYNIEYSGAKATAAQNIVKMIKAYGAKIDGVGLQAHFIVGSTPSQSDLTTVLKGYTALGVEVAY
TELDIKMQLPSTAAKLAQQSTDFQGVAAACVSTTGCVGVTIWDWTDKYSWVPSVFQGYGAPLPWDENYVKKPAYDGLMAG
LGASGSGTT
;
_entity_poly.pdbx_strand_id   A,B
#
# COMPACT_ATOMS: atom_id res chain seq x y z
N ALA A 5 -8.81 32.80 16.69
CA ALA A 5 -8.90 32.16 18.02
C ALA A 5 -8.80 30.64 17.89
N GLY A 6 -9.14 30.06 16.72
CA GLY A 6 -9.05 28.60 16.47
C GLY A 6 -9.39 28.22 15.02
N LEU A 7 -9.47 26.90 14.75
CA LEU A 7 -9.66 26.38 13.39
C LEU A 7 -10.96 26.88 12.77
N ASN A 8 -12.04 26.85 13.57
CA ASN A 8 -13.37 27.12 13.07
C ASN A 8 -13.50 28.64 12.84
N THR A 9 -13.02 29.44 13.78
CA THR A 9 -13.08 30.89 13.55
C THR A 9 -12.28 31.29 12.31
N ALA A 10 -11.07 30.72 12.15
CA ALA A 10 -10.22 31.00 10.99
C ALA A 10 -10.90 30.54 9.71
N ALA A 11 -11.47 29.30 9.73
CA ALA A 11 -12.17 28.78 8.54
C ALA A 11 -13.34 29.70 8.14
N LYS A 12 -14.16 30.11 9.12
CA LYS A 12 -15.30 30.96 8.84
C LYS A 12 -14.89 32.32 8.28
N ALA A 13 -13.78 32.87 8.75
CA ALA A 13 -13.29 34.15 8.23
C ALA A 13 -12.95 34.05 6.73
N LYS A 14 -12.54 32.85 6.29
CA LYS A 14 -12.19 32.64 4.89
C LYS A 14 -13.40 32.24 4.08
N GLY A 15 -14.58 32.15 4.67
CA GLY A 15 -15.79 31.89 3.92
C GLY A 15 -16.21 30.41 3.91
N LEU A 16 -15.45 29.53 4.61
CA LEU A 16 -15.98 28.18 4.86
C LEU A 16 -17.15 28.28 5.82
N LYS A 17 -18.06 27.29 5.78
CA LYS A 17 -19.15 27.22 6.74
C LYS A 17 -18.66 26.75 8.11
N TYR A 18 -17.61 25.91 8.12
CA TYR A 18 -17.16 25.31 9.38
C TYR A 18 -15.73 24.74 9.24
N PHE A 19 -15.09 24.58 10.40
CA PHE A 19 -14.08 23.54 10.57
C PHE A 19 -14.64 22.64 11.65
N GLY A 20 -14.57 21.32 11.45
CA GLY A 20 -15.28 20.44 12.38
C GLY A 20 -14.52 19.14 12.66
N SER A 21 -15.15 18.29 13.49
CA SER A 21 -14.55 17.03 13.89
C SER A 21 -15.64 15.95 14.02
N ALA A 22 -15.26 14.71 13.66
CA ALA A 22 -16.08 13.55 14.00
C ALA A 22 -15.87 13.20 15.48
N THR A 23 -16.77 12.38 16.04
CA THR A 23 -16.57 11.89 17.39
C THR A 23 -17.23 10.52 17.44
N ASP A 24 -17.20 9.85 18.58
CA ASP A 24 -18.00 8.65 18.71
C ASP A 24 -18.44 8.51 20.17
N ASN A 25 -19.54 7.80 20.36
CA ASN A 25 -20.21 7.76 21.66
C ASN A 25 -19.30 7.25 22.79
N PRO A 26 -18.42 6.25 22.60
CA PRO A 26 -17.53 5.82 23.70
C PRO A 26 -16.62 6.90 24.30
N GLU A 27 -16.36 7.96 23.53
CA GLU A 27 -15.50 9.07 23.92
C GLU A 27 -16.24 10.08 24.83
N LEU A 28 -17.57 10.03 24.83
CA LEU A 28 -18.33 11.15 25.38
C LEU A 28 -18.38 11.11 26.92
N THR A 29 -17.94 10.01 27.54
CA THR A 29 -17.88 9.92 28.99
C THR A 29 -16.56 10.52 29.50
N ASP A 30 -15.65 10.88 28.57
CA ASP A 30 -14.41 11.55 28.94
C ASP A 30 -14.66 13.05 28.93
N SER A 31 -14.87 13.65 30.11
CA SER A 31 -15.23 15.07 30.18
C SER A 31 -14.16 16.03 29.65
N ALA A 32 -12.87 15.65 29.80
CA ALA A 32 -11.79 16.44 29.22
C ALA A 32 -11.84 16.41 27.68
N TYR A 33 -12.04 15.23 27.10
CA TYR A 33 -12.25 15.11 25.66
C TYR A 33 -13.40 15.99 25.21
N VAL A 34 -14.54 15.86 25.92
CA VAL A 34 -15.75 16.55 25.50
C VAL A 34 -15.56 18.07 25.57
N ALA A 35 -14.79 18.53 26.55
CA ALA A 35 -14.61 19.97 26.68
C ALA A 35 -13.92 20.54 25.43
N GLN A 36 -12.98 19.79 24.83
CA GLN A 36 -12.29 20.33 23.66
C GLN A 36 -13.14 20.11 22.40
N LEU A 37 -13.86 18.98 22.33
CA LEU A 37 -14.75 18.77 21.20
C LEU A 37 -15.80 19.88 21.16
N SER A 38 -16.14 20.40 22.35
CA SER A 38 -17.21 21.38 22.47
C SER A 38 -16.68 22.80 22.31
N ASN A 39 -15.39 22.97 22.10
CA ASN A 39 -14.73 24.27 21.90
C ASN A 39 -14.98 24.76 20.46
N THR A 40 -15.94 25.67 20.33
CA THR A 40 -16.39 26.13 19.02
C THR A 40 -15.46 27.14 18.36
N ASP A 41 -14.42 27.59 19.09
CA ASP A 41 -13.32 28.27 18.40
C ASP A 41 -12.64 27.31 17.42
N ASP A 42 -12.56 26.01 17.80
CA ASP A 42 -11.91 25.00 16.96
C ASP A 42 -12.90 24.22 16.10
N PHE A 43 -14.11 23.92 16.65
CA PHE A 43 -15.03 23.04 15.92
C PHE A 43 -16.43 23.65 15.86
N GLY A 44 -16.85 24.01 14.65
CA GLY A 44 -18.20 24.51 14.43
C GLY A 44 -19.13 23.44 13.83
N GLN A 45 -18.66 22.17 13.78
CA GLN A 45 -19.40 21.11 13.11
C GLN A 45 -18.96 19.77 13.71
N ILE A 46 -19.87 18.79 13.74
CA ILE A 46 -19.65 17.45 14.31
C ILE A 46 -20.21 16.42 13.33
N THR A 47 -19.46 15.32 13.13
CA THR A 47 -20.03 14.17 12.42
C THR A 47 -20.05 12.99 13.41
N PRO A 48 -21.13 12.19 13.50
CA PRO A 48 -21.12 10.95 14.28
C PRO A 48 -20.30 9.92 13.53
N GLY A 49 -19.21 9.49 14.15
CA GLY A 49 -18.35 8.53 13.47
C GLY A 49 -19.01 7.19 13.19
N ASN A 50 -20.00 6.78 14.00
CA ASN A 50 -20.59 5.46 13.82
C ASN A 50 -22.10 5.39 14.08
N SER A 51 -22.67 6.29 14.88
CA SER A 51 -23.99 6.05 15.43
C SER A 51 -25.14 6.42 14.49
N MET A 52 -24.86 6.89 13.26
CA MET A 52 -25.92 7.05 12.26
C MET A 52 -25.75 6.10 11.09
N LYS A 53 -24.79 5.17 11.15
CA LYS A 53 -24.65 4.15 10.10
C LYS A 53 -25.76 3.10 10.19
N TRP A 54 -25.86 2.27 9.14
CA TRP A 54 -26.97 1.32 9.05
C TRP A 54 -26.89 0.27 10.17
N ASP A 55 -25.67 -0.22 10.47
CA ASP A 55 -25.50 -1.19 11.56
C ASP A 55 -26.00 -0.62 12.89
N ALA A 56 -25.87 0.71 13.09
CA ALA A 56 -26.28 1.36 14.33
C ALA A 56 -27.77 1.66 14.31
N THR A 57 -28.33 2.03 13.14
CA THR A 57 -29.64 2.66 13.11
C THR A 57 -30.75 1.67 12.73
N GLU A 58 -30.44 0.59 12.00
CA GLU A 58 -31.43 -0.45 11.66
C GLU A 58 -30.76 -1.82 11.76
N PRO A 59 -30.33 -2.21 12.99
CA PRO A 59 -29.54 -3.43 13.20
C PRO A 59 -30.37 -4.69 12.94
N SER A 60 -31.70 -4.60 13.08
CA SER A 60 -32.57 -5.68 12.62
C SER A 60 -33.65 -5.03 11.75
N GLN A 61 -34.24 -5.79 10.84
CA GLN A 61 -35.08 -5.21 9.79
C GLN A 61 -36.24 -4.44 10.41
N ASN A 62 -36.36 -3.16 10.00
CA ASN A 62 -37.45 -2.25 10.36
C ASN A 62 -37.31 -1.74 11.78
N SER A 63 -36.21 -2.13 12.44
CA SER A 63 -36.06 -1.81 13.86
C SER A 63 -35.10 -0.63 14.02
N PHE A 64 -35.66 0.57 14.10
CA PHE A 64 -34.84 1.78 14.08
C PHE A 64 -34.38 2.15 15.49
N SER A 65 -33.12 2.50 15.55
CA SER A 65 -32.46 2.73 16.81
C SER A 65 -31.68 4.05 16.75
N PHE A 66 -32.18 5.11 17.39
CA PHE A 66 -31.60 6.42 17.17
C PHE A 66 -30.88 6.99 18.39
N ALA A 67 -30.93 6.28 19.55
CA ALA A 67 -30.50 6.95 20.79
C ALA A 67 -29.08 7.49 20.66
N ASN A 68 -28.16 6.66 20.17
CA ASN A 68 -26.77 7.06 20.13
C ASN A 68 -26.55 8.17 19.10
N GLY A 69 -27.28 8.15 17.98
CA GLY A 69 -27.18 9.26 17.04
C GLY A 69 -27.71 10.55 17.68
N ASP A 70 -28.86 10.46 18.35
CA ASP A 70 -29.53 11.61 18.95
C ASP A 70 -28.63 12.26 20.01
N ALA A 71 -27.83 11.42 20.73
CA ALA A 71 -26.96 11.94 21.76
C ALA A 71 -25.89 12.84 21.13
N VAL A 72 -25.40 12.44 19.94
CA VAL A 72 -24.41 13.28 19.28
C VAL A 72 -25.06 14.58 18.80
N VAL A 73 -26.25 14.49 18.17
CA VAL A 73 -26.99 15.66 17.73
C VAL A 73 -27.25 16.62 18.90
N ASN A 74 -27.68 16.07 20.05
CA ASN A 74 -27.97 16.86 21.22
C ASN A 74 -26.75 17.64 21.69
N LEU A 75 -25.56 16.99 21.65
CA LEU A 75 -24.32 17.65 22.02
C LEU A 75 -23.99 18.80 21.07
N ALA A 76 -24.06 18.51 19.76
CA ALA A 76 -23.83 19.55 18.75
C ALA A 76 -24.79 20.73 18.98
N ASN A 77 -26.06 20.40 19.25
CA ASN A 77 -27.10 21.40 19.43
C ASN A 77 -26.79 22.26 20.66
N LYS A 78 -26.41 21.62 21.77
CA LYS A 78 -26.08 22.39 22.99
C LYS A 78 -24.92 23.35 22.68
N ASN A 79 -24.04 22.96 21.76
CA ASN A 79 -22.80 23.72 21.57
C ASN A 79 -22.96 24.77 20.47
N GLY A 80 -24.04 24.68 19.68
CA GLY A 80 -24.25 25.56 18.53
C GLY A 80 -23.41 25.10 17.31
N GLN A 81 -23.09 23.80 17.25
CA GLN A 81 -22.38 23.21 16.12
C GLN A 81 -23.35 22.66 15.08
N LEU A 82 -22.97 22.76 13.78
CA LEU A 82 -23.68 22.10 12.70
C LEU A 82 -23.45 20.59 12.78
N MET A 83 -24.34 19.83 12.13
CA MET A 83 -24.15 18.38 12.00
C MET A 83 -23.92 18.04 10.54
N ARG A 84 -22.96 17.13 10.29
CA ARG A 84 -23.02 16.31 9.07
C ARG A 84 -23.44 14.90 9.49
N CYS A 85 -24.40 14.37 8.75
CA CYS A 85 -25.05 13.08 9.04
C CYS A 85 -24.47 12.04 8.09
N HIS A 86 -24.08 10.88 8.63
CA HIS A 86 -23.19 9.96 7.95
C HIS A 86 -23.52 8.57 8.47
N THR A 87 -23.90 7.61 7.60
CA THR A 87 -24.10 7.68 6.15
C THR A 87 -25.22 6.67 5.84
N LEU A 88 -26.02 6.89 4.78
CA LEU A 88 -27.23 6.09 4.55
C LEU A 88 -26.92 4.79 3.81
N VAL A 89 -26.46 4.88 2.55
CA VAL A 89 -26.28 3.63 1.82
C VAL A 89 -24.77 3.38 1.64
N TRP A 90 -24.30 2.26 2.21
CA TRP A 90 -22.89 1.90 2.13
C TRP A 90 -22.75 0.37 2.23
N HIS A 91 -21.74 -0.20 1.55
CA HIS A 91 -21.56 -1.64 1.55
C HIS A 91 -20.94 -2.15 2.85
N SER A 92 -20.25 -1.27 3.58
CA SER A 92 -19.60 -1.63 4.82
C SER A 92 -20.53 -1.28 5.99
N GLN A 93 -20.36 -1.94 7.16
CA GLN A 93 -21.18 -1.60 8.33
C GLN A 93 -22.66 -1.71 7.97
N LEU A 94 -22.97 -2.74 7.18
CA LEU A 94 -24.34 -3.07 6.84
C LEU A 94 -24.72 -4.27 7.68
N PRO A 95 -25.91 -4.29 8.32
CA PRO A 95 -26.36 -5.47 9.05
C PRO A 95 -26.47 -6.65 8.11
N ASN A 96 -26.30 -7.85 8.67
CA ASN A 96 -26.25 -9.08 7.88
C ASN A 96 -27.61 -9.30 7.19
N TRP A 97 -28.72 -8.87 7.84
CA TRP A 97 -30.02 -9.02 7.19
C TRP A 97 -30.08 -8.37 5.80
N VAL A 98 -29.25 -7.33 5.58
CA VAL A 98 -29.19 -6.67 4.27
C VAL A 98 -28.15 -7.38 3.41
N SER A 99 -26.90 -7.47 3.90
CA SER A 99 -25.82 -7.95 3.04
C SER A 99 -26.01 -9.41 2.62
N SER A 100 -26.61 -10.24 3.49
CA SER A 100 -26.80 -11.67 3.21
C SER A 100 -28.19 -12.03 2.73
N GLY A 101 -29.06 -11.01 2.63
CA GLY A 101 -30.46 -11.28 2.34
C GLY A 101 -30.69 -11.86 0.96
N SER A 102 -31.85 -12.50 0.81
CA SER A 102 -32.34 -12.99 -0.48
C SER A 102 -33.26 -11.93 -1.03
N TRP A 103 -32.76 -11.17 -2.00
CA TRP A 103 -33.49 -9.99 -2.47
C TRP A 103 -33.89 -10.16 -3.92
N THR A 104 -34.89 -9.35 -4.30
CA THR A 104 -35.13 -9.03 -5.68
C THR A 104 -34.99 -7.50 -5.80
N ASN A 105 -35.00 -6.99 -7.02
CA ASN A 105 -34.90 -5.55 -7.17
C ASN A 105 -35.96 -4.82 -6.34
N ALA A 106 -37.25 -5.24 -6.46
CA ALA A 106 -38.32 -4.57 -5.73
C ALA A 106 -38.11 -4.65 -4.21
N THR A 107 -37.72 -5.82 -3.71
CA THR A 107 -37.69 -6.01 -2.27
C THR A 107 -36.49 -5.28 -1.65
N LEU A 108 -35.34 -5.28 -2.33
CA LEU A 108 -34.20 -4.54 -1.78
C LEU A 108 -34.43 -3.03 -1.91
N LEU A 109 -35.02 -2.59 -3.04
CA LEU A 109 -35.37 -1.18 -3.18
C LEU A 109 -36.30 -0.76 -2.05
N ALA A 110 -37.31 -1.60 -1.73
CA ALA A 110 -38.22 -1.24 -0.66
C ALA A 110 -37.47 -1.13 0.67
N ALA A 111 -36.57 -2.06 0.96
CA ALA A 111 -35.86 -2.02 2.24
C ALA A 111 -34.86 -0.85 2.28
N MET A 112 -34.16 -0.58 1.17
CA MET A 112 -33.22 0.55 1.12
C MET A 112 -33.95 1.89 1.30
N LYS A 113 -35.04 2.06 0.53
CA LYS A 113 -35.86 3.26 0.66
C LYS A 113 -36.46 3.42 2.04
N ASN A 114 -36.94 2.30 2.62
CA ASN A 114 -37.46 2.35 3.98
C ASN A 114 -36.38 2.84 4.94
N HIS A 115 -35.15 2.28 4.80
CA HIS A 115 -34.05 2.74 5.65
C HIS A 115 -33.87 4.26 5.50
N ILE A 116 -33.68 4.74 4.27
CA ILE A 116 -33.46 6.17 4.02
C ILE A 116 -34.60 7.02 4.55
N THR A 117 -35.85 6.68 4.21
CA THR A 117 -36.94 7.56 4.61
C THR A 117 -37.03 7.64 6.14
N ASN A 118 -36.88 6.51 6.85
CA ASN A 118 -37.02 6.54 8.30
C ASN A 118 -35.88 7.32 8.94
N VAL A 119 -34.63 7.06 8.52
CA VAL A 119 -33.51 7.74 9.14
C VAL A 119 -33.56 9.24 8.82
N VAL A 120 -33.79 9.56 7.53
CA VAL A 120 -33.71 10.98 7.14
C VAL A 120 -34.91 11.72 7.75
N THR A 121 -36.08 11.09 7.77
CA THR A 121 -37.20 11.78 8.43
C THR A 121 -36.90 12.04 9.90
N HIS A 122 -36.31 11.06 10.59
CA HIS A 122 -36.04 11.24 12.01
C HIS A 122 -35.15 12.46 12.24
N TYR A 123 -34.16 12.66 11.36
CA TYR A 123 -33.17 13.73 11.52
C TYR A 123 -33.52 14.97 10.70
N LYS A 124 -34.74 15.02 10.20
CA LYS A 124 -35.13 16.14 9.34
C LYS A 124 -34.89 17.46 10.06
N GLY A 125 -34.19 18.38 9.37
CA GLY A 125 -33.97 19.69 9.96
C GLY A 125 -32.73 19.75 10.86
N LYS A 126 -32.12 18.61 11.18
CA LYS A 126 -31.04 18.60 12.16
C LYS A 126 -29.67 18.60 11.49
N CYS A 127 -29.59 18.27 10.18
CA CYS A 127 -28.31 17.97 9.55
C CYS A 127 -28.08 19.05 8.50
N TYR A 128 -26.86 19.59 8.44
CA TYR A 128 -26.44 20.41 7.31
C TYR A 128 -26.39 19.57 6.02
N ALA A 129 -25.79 18.37 6.12
CA ALA A 129 -25.56 17.50 4.98
C ALA A 129 -25.79 16.05 5.39
N TRP A 130 -26.16 15.21 4.42
CA TRP A 130 -26.13 13.75 4.56
C TRP A 130 -25.11 13.19 3.55
N ASP A 131 -24.27 12.25 4.01
CA ASP A 131 -23.59 11.36 3.07
C ASP A 131 -24.58 10.28 2.67
N VAL A 132 -25.24 10.45 1.50
CA VAL A 132 -26.32 9.58 1.12
C VAL A 132 -25.79 8.23 0.64
N VAL A 133 -24.80 8.30 -0.27
CA VAL A 133 -24.17 7.07 -0.75
C VAL A 133 -22.67 7.23 -0.46
N ASN A 134 -22.09 6.17 0.14
CA ASN A 134 -20.68 6.15 0.52
C ASN A 134 -19.95 5.05 -0.25
N GLU A 135 -18.77 5.38 -0.84
CA GLU A 135 -17.80 4.43 -1.35
C GLU A 135 -18.44 3.47 -2.36
N ALA A 136 -19.15 4.00 -3.36
CA ALA A 136 -19.80 3.11 -4.30
C ALA A 136 -18.83 2.56 -5.36
N LEU A 137 -17.57 3.05 -5.38
CA LEU A 137 -16.65 2.74 -6.46
C LEU A 137 -15.50 1.88 -5.94
N ASN A 138 -15.01 0.98 -6.80
CA ASN A 138 -13.70 0.37 -6.57
C ASN A 138 -12.57 1.31 -7.00
N GLU A 139 -11.35 0.94 -6.59
CA GLU A 139 -10.17 1.73 -6.92
C GLU A 139 -9.96 1.93 -8.44
N ASP A 140 -10.41 0.99 -9.28
CA ASP A 140 -10.22 1.09 -10.71
C ASP A 140 -11.40 1.76 -11.41
N GLY A 141 -12.31 2.38 -10.63
CA GLY A 141 -13.40 3.14 -11.23
C GLY A 141 -14.61 2.28 -11.62
N THR A 142 -14.57 0.97 -11.39
CA THR A 142 -15.75 0.14 -11.53
C THR A 142 -16.70 0.34 -10.35
N PHE A 143 -17.99 0.03 -10.56
CA PHE A 143 -18.88 -0.03 -9.40
C PHE A 143 -18.48 -1.15 -8.44
N ARG A 144 -18.56 -0.88 -7.12
CA ARG A 144 -18.32 -1.98 -6.18
C ARG A 144 -19.47 -2.96 -6.29
N ASN A 145 -19.10 -4.25 -6.25
CA ASN A 145 -20.05 -5.35 -6.38
C ASN A 145 -20.74 -5.57 -5.04
N SER A 146 -21.31 -4.50 -4.49
CA SER A 146 -22.10 -4.59 -3.27
C SER A 146 -23.47 -5.23 -3.55
N VAL A 147 -24.17 -5.57 -2.47
CA VAL A 147 -25.53 -6.08 -2.61
C VAL A 147 -26.39 -5.09 -3.43
N PHE A 148 -26.19 -3.77 -3.23
CA PHE A 148 -27.07 -2.81 -3.91
C PHE A 148 -26.80 -2.86 -5.42
N TYR A 149 -25.52 -2.88 -5.80
CA TYR A 149 -25.16 -2.92 -7.21
C TYR A 149 -25.62 -4.23 -7.86
N GLN A 150 -25.34 -5.36 -7.19
CA GLN A 150 -25.66 -6.64 -7.80
C GLN A 150 -27.16 -6.83 -8.02
N ILE A 151 -28.01 -6.34 -7.10
CA ILE A 151 -29.45 -6.56 -7.16
C ILE A 151 -30.16 -5.48 -7.99
N ILE A 152 -29.81 -4.22 -7.78
CA ILE A 152 -30.59 -3.11 -8.31
C ILE A 152 -29.91 -2.57 -9.57
N GLY A 153 -28.58 -2.67 -9.60
CA GLY A 153 -27.81 -2.05 -10.68
C GLY A 153 -27.51 -0.61 -10.30
N PRO A 154 -26.86 0.18 -11.21
CA PRO A 154 -26.47 1.56 -10.89
C PRO A 154 -27.59 2.52 -10.44
N ALA A 155 -28.86 2.24 -10.83
CA ALA A 155 -29.98 3.09 -10.45
C ALA A 155 -30.09 3.23 -8.91
N TYR A 156 -29.49 2.31 -8.13
CA TYR A 156 -29.64 2.39 -6.69
C TYR A 156 -29.15 3.75 -6.21
N ILE A 157 -28.13 4.29 -6.88
CA ILE A 157 -27.52 5.53 -6.43
C ILE A 157 -28.47 6.73 -6.61
N PRO A 158 -28.92 7.08 -7.82
CA PRO A 158 -29.91 8.16 -7.94
C PRO A 158 -31.21 7.89 -7.17
N ILE A 159 -31.63 6.63 -7.06
CA ILE A 159 -32.84 6.38 -6.26
C ILE A 159 -32.64 6.74 -4.78
N ALA A 160 -31.45 6.44 -4.25
CA ALA A 160 -31.14 6.78 -2.86
C ALA A 160 -31.17 8.31 -2.65
N PHE A 161 -30.57 9.06 -3.57
CA PHE A 161 -30.60 10.52 -3.52
C PHE A 161 -32.05 11.07 -3.59
N ALA A 162 -32.83 10.58 -4.53
CA ALA A 162 -34.21 11.03 -4.68
C ALA A 162 -35.02 10.74 -3.41
N THR A 163 -34.77 9.57 -2.81
CA THR A 163 -35.48 9.17 -1.61
C THR A 163 -35.11 10.10 -0.46
N ALA A 164 -33.80 10.40 -0.30
CA ALA A 164 -33.38 11.28 0.78
C ALA A 164 -34.04 12.68 0.58
N ALA A 165 -34.04 13.17 -0.66
CA ALA A 165 -34.59 14.50 -0.96
C ALA A 165 -36.09 14.57 -0.64
N ALA A 166 -36.82 13.49 -0.89
CA ALA A 166 -38.26 13.44 -0.60
C ALA A 166 -38.51 13.50 0.92
N ALA A 167 -37.67 12.85 1.75
CA ALA A 167 -37.80 12.87 3.20
C ALA A 167 -37.35 14.21 3.81
N ASP A 168 -36.32 14.85 3.22
CA ASP A 168 -35.81 16.10 3.77
C ASP A 168 -35.35 16.96 2.58
N PRO A 169 -36.23 17.83 2.05
CA PRO A 169 -35.92 18.55 0.80
C PRO A 169 -34.75 19.54 0.88
N ASP A 170 -34.37 19.94 2.09
CA ASP A 170 -33.39 21.02 2.20
C ASP A 170 -31.99 20.57 2.63
N VAL A 171 -31.82 19.38 3.19
CA VAL A 171 -30.47 19.03 3.63
C VAL A 171 -29.60 18.84 2.38
N LYS A 172 -28.31 19.20 2.45
CA LYS A 172 -27.45 19.01 1.28
C LYS A 172 -27.12 17.51 1.14
N LEU A 173 -27.22 16.97 -0.09
CA LEU A 173 -27.06 15.53 -0.27
C LEU A 173 -25.68 15.26 -0.91
N TYR A 174 -24.85 14.43 -0.27
CA TYR A 174 -23.46 14.24 -0.73
C TYR A 174 -23.24 12.80 -1.16
N TYR A 175 -22.41 12.63 -2.20
CA TYR A 175 -21.75 11.38 -2.50
C TYR A 175 -20.38 11.48 -1.86
N ASN A 176 -19.99 10.50 -1.01
CA ASN A 176 -18.79 10.60 -0.21
C ASN A 176 -17.87 9.42 -0.58
N ASP A 177 -16.55 9.66 -0.72
CA ASP A 177 -15.65 8.55 -1.13
C ASP A 177 -14.21 8.92 -0.81
N TYR A 178 -13.31 7.92 -0.79
CA TYR A 178 -11.91 8.16 -0.55
C TYR A 178 -11.13 7.87 -1.83
N ASN A 179 -9.86 8.38 -1.89
CA ASN A 179 -8.98 8.22 -3.05
C ASN A 179 -9.60 8.86 -4.32
N ILE A 180 -10.49 9.84 -4.10
CA ILE A 180 -11.03 10.66 -5.19
C ILE A 180 -10.50 12.10 -5.11
N GLU A 181 -9.49 12.34 -4.24
CA GLU A 181 -8.93 13.69 -4.06
C GLU A 181 -7.76 14.01 -5.00
N TYR A 182 -7.25 12.99 -5.69
CA TYR A 182 -6.23 13.15 -6.72
C TYR A 182 -6.77 12.55 -8.03
N SER A 183 -6.17 12.94 -9.14
CA SER A 183 -6.75 12.52 -10.41
C SER A 183 -6.43 11.03 -10.63
N GLY A 184 -7.31 10.38 -11.37
CA GLY A 184 -7.18 8.97 -11.65
C GLY A 184 -8.53 8.41 -12.07
N ALA A 185 -8.55 7.10 -12.32
CA ALA A 185 -9.80 6.47 -12.74
C ALA A 185 -10.85 6.67 -11.65
N LYS A 186 -10.48 6.62 -10.36
CA LYS A 186 -11.55 6.66 -9.35
C LYS A 186 -12.22 8.05 -9.28
N ALA A 187 -11.41 9.11 -9.31
CA ALA A 187 -11.96 10.45 -9.28
C ALA A 187 -12.80 10.69 -10.55
N THR A 188 -12.33 10.17 -11.70
CA THR A 188 -13.07 10.33 -12.93
C THR A 188 -14.45 9.67 -12.76
N ALA A 189 -14.43 8.44 -12.21
CA ALA A 189 -15.68 7.71 -11.97
C ALA A 189 -16.59 8.47 -11.02
N ALA A 190 -16.00 9.16 -10.03
CA ALA A 190 -16.83 9.89 -9.07
C ALA A 190 -17.52 11.08 -9.78
N GLN A 191 -16.77 11.79 -10.65
CA GLN A 191 -17.37 12.77 -11.54
C GLN A 191 -18.54 12.16 -12.33
N ASN A 192 -18.33 10.96 -12.91
CA ASN A 192 -19.38 10.33 -13.71
C ASN A 192 -20.60 9.96 -12.87
N ILE A 193 -20.41 9.55 -11.60
CA ILE A 193 -21.53 9.33 -10.68
C ILE A 193 -22.29 10.64 -10.47
N VAL A 194 -21.60 11.78 -10.26
CA VAL A 194 -22.30 13.05 -10.17
C VAL A 194 -23.16 13.31 -11.42
N LYS A 195 -22.51 13.16 -12.59
CA LYS A 195 -23.25 13.46 -13.81
C LYS A 195 -24.41 12.50 -13.95
N MET A 196 -24.23 11.23 -13.55
CA MET A 196 -25.30 10.23 -13.69
C MET A 196 -26.52 10.58 -12.81
N ILE A 197 -26.29 11.00 -11.56
CA ILE A 197 -27.40 11.34 -10.66
C ILE A 197 -28.20 12.51 -11.22
N LYS A 198 -27.48 13.52 -11.69
CA LYS A 198 -28.06 14.75 -12.25
C LYS A 198 -28.81 14.43 -13.54
N ALA A 199 -28.24 13.56 -14.37
CA ALA A 199 -28.93 13.12 -15.61
C ALA A 199 -30.21 12.35 -15.30
N TYR A 200 -30.23 11.54 -14.22
CA TYR A 200 -31.43 10.87 -13.74
C TYR A 200 -32.49 11.87 -13.25
N GLY A 201 -32.09 13.10 -12.92
CA GLY A 201 -33.05 14.08 -12.41
C GLY A 201 -33.13 14.10 -10.88
N ALA A 202 -32.22 13.39 -10.20
CA ALA A 202 -32.23 13.38 -8.73
C ALA A 202 -31.30 14.47 -8.22
N LYS A 203 -31.55 14.95 -7.01
CA LYS A 203 -30.81 16.06 -6.41
C LYS A 203 -29.49 15.53 -5.85
N ILE A 204 -28.36 16.09 -6.30
CA ILE A 204 -27.10 15.88 -5.59
C ILE A 204 -26.43 17.23 -5.39
N ASP A 205 -26.13 17.58 -4.14
CA ASP A 205 -25.63 18.92 -3.84
C ASP A 205 -24.11 18.93 -3.66
N GLY A 206 -23.52 17.80 -3.25
CA GLY A 206 -22.13 17.86 -2.82
C GLY A 206 -21.34 16.56 -3.10
N VAL A 207 -20.00 16.72 -3.25
CA VAL A 207 -19.08 15.57 -3.20
C VAL A 207 -18.27 15.67 -1.91
N GLY A 208 -18.25 14.57 -1.16
CA GLY A 208 -17.47 14.48 0.05
C GLY A 208 -16.18 13.74 -0.27
N LEU A 209 -15.05 14.39 0.00
CA LEU A 209 -13.72 13.84 -0.20
C LEU A 209 -13.12 13.48 1.15
N GLN A 210 -12.96 12.16 1.41
CA GLN A 210 -12.71 11.75 2.80
C GLN A 210 -11.35 12.26 3.26
N ALA A 211 -10.32 12.18 2.40
CA ALA A 211 -9.02 12.78 2.69
C ALA A 211 -8.34 11.96 3.80
N HIS A 212 -8.37 10.62 3.67
CA HIS A 212 -7.51 9.82 4.53
C HIS A 212 -6.16 9.71 3.85
N PHE A 213 -5.20 10.57 4.24
CA PHE A 213 -3.93 10.66 3.54
C PHE A 213 -2.78 10.11 4.37
N ILE A 214 -1.57 10.10 3.80
CA ILE A 214 -0.41 9.54 4.50
C ILE A 214 0.66 10.63 4.54
N VAL A 215 1.34 10.77 5.71
CA VAL A 215 2.34 11.81 5.87
C VAL A 215 3.44 11.55 4.84
N GLY A 216 3.80 12.60 4.09
CA GLY A 216 4.90 12.48 3.15
C GLY A 216 4.42 11.99 1.78
N SER A 217 3.14 11.56 1.70
CA SER A 217 2.58 11.07 0.44
C SER A 217 1.24 11.76 0.19
N THR A 218 1.06 12.96 0.78
CA THR A 218 -0.22 13.64 0.67
C THR A 218 -0.18 14.39 -0.67
N PRO A 219 -1.29 14.45 -1.43
CA PRO A 219 -1.30 15.28 -2.63
C PRO A 219 -0.98 16.75 -2.30
N SER A 220 -0.25 17.41 -3.22
CA SER A 220 0.11 18.82 -3.10
C SER A 220 -1.13 19.69 -3.01
N GLN A 221 -0.97 20.90 -2.46
CA GLN A 221 -2.05 21.87 -2.43
C GLN A 221 -2.59 22.09 -3.84
N SER A 222 -1.65 22.17 -4.81
CA SER A 222 -2.02 22.47 -6.19
C SER A 222 -2.84 21.32 -6.79
N ASP A 223 -2.40 20.08 -6.53
CA ASP A 223 -3.13 18.93 -7.08
C ASP A 223 -4.51 18.86 -6.44
N LEU A 224 -4.56 19.06 -5.13
CA LEU A 224 -5.85 18.95 -4.45
C LEU A 224 -6.82 20.00 -4.98
N THR A 225 -6.36 21.25 -5.12
CA THR A 225 -7.24 22.34 -5.54
C THR A 225 -7.81 22.03 -6.93
N THR A 226 -6.93 21.53 -7.82
CA THR A 226 -7.31 21.22 -9.19
C THR A 226 -8.46 20.21 -9.21
N VAL A 227 -8.31 19.19 -8.40
CA VAL A 227 -9.30 18.13 -8.33
C VAL A 227 -10.62 18.65 -7.72
N LEU A 228 -10.56 19.46 -6.66
CA LEU A 228 -11.80 20.03 -6.11
C LEU A 228 -12.57 20.78 -7.21
N LYS A 229 -11.84 21.58 -8.02
CA LYS A 229 -12.47 22.38 -9.06
C LYS A 229 -13.07 21.49 -10.13
N GLY A 230 -12.50 20.29 -10.32
CA GLY A 230 -13.10 19.32 -11.24
C GLY A 230 -14.50 18.86 -10.83
N TYR A 231 -14.75 18.83 -9.49
CA TYR A 231 -16.09 18.54 -8.95
C TYR A 231 -16.99 19.77 -8.96
N THR A 232 -16.49 20.93 -8.49
CA THR A 232 -17.35 22.10 -8.45
C THR A 232 -17.83 22.47 -9.85
N ALA A 233 -16.99 22.19 -10.88
CA ALA A 233 -17.38 22.47 -12.26
C ALA A 233 -18.64 21.69 -12.65
N LEU A 234 -18.96 20.59 -11.94
CA LEU A 234 -20.14 19.80 -12.29
C LEU A 234 -21.42 20.34 -11.64
N GLY A 235 -21.28 21.39 -10.83
CA GLY A 235 -22.41 22.00 -10.12
C GLY A 235 -22.69 21.35 -8.76
N VAL A 236 -21.63 21.05 -8.02
CA VAL A 236 -21.79 20.57 -6.64
C VAL A 236 -20.88 21.39 -5.74
N GLU A 237 -21.21 21.46 -4.43
CA GLU A 237 -20.24 21.95 -3.47
C GLU A 237 -19.32 20.78 -3.09
N VAL A 238 -18.22 21.09 -2.40
CA VAL A 238 -17.31 20.03 -1.99
C VAL A 238 -16.99 20.26 -0.51
N ALA A 239 -16.55 19.18 0.16
CA ALA A 239 -15.96 19.34 1.48
C ALA A 239 -14.98 18.19 1.73
N TYR A 240 -13.95 18.48 2.53
CA TYR A 240 -13.13 17.37 3.02
C TYR A 240 -13.81 16.83 4.27
N THR A 241 -14.14 15.55 4.27
CA THR A 241 -15.14 15.04 5.23
C THR A 241 -14.56 14.18 6.34
N GLU A 242 -13.35 13.64 6.14
CA GLU A 242 -12.81 12.69 7.13
C GLU A 242 -11.29 12.81 7.22
N LEU A 243 -10.79 14.04 7.19
CA LEU A 243 -9.37 14.28 7.02
C LEU A 243 -8.58 13.71 8.19
N ASP A 244 -7.63 12.87 7.87
CA ASP A 244 -6.58 12.52 8.83
C ASP A 244 -5.36 12.15 8.02
N ILE A 245 -4.17 12.26 8.63
CA ILE A 245 -2.94 12.05 7.88
C ILE A 245 -2.07 11.12 8.73
N LYS A 246 -2.26 9.82 8.52
CA LYS A 246 -1.54 8.83 9.32
C LYS A 246 -0.06 8.83 8.89
N MET A 247 0.85 8.62 9.88
CA MET A 247 2.29 8.59 9.58
C MET A 247 2.83 7.19 9.84
N GLN A 248 3.85 6.81 9.06
CA GLN A 248 4.55 5.56 9.29
C GLN A 248 5.29 5.71 10.63
N LEU A 249 5.06 4.75 11.54
CA LEU A 249 5.58 4.84 12.91
C LEU A 249 7.04 4.38 12.92
N PRO A 250 7.89 4.78 13.90
CA PRO A 250 7.50 5.67 14.99
C PRO A 250 7.45 7.14 14.57
N SER A 251 6.71 7.94 15.35
CA SER A 251 6.71 9.38 15.18
C SER A 251 8.13 9.93 15.41
N THR A 252 8.51 10.94 14.61
CA THR A 252 9.77 11.69 14.72
C THR A 252 9.48 13.17 14.48
N ALA A 253 10.44 14.04 14.88
CA ALA A 253 10.24 15.48 14.68
C ALA A 253 10.05 15.83 13.19
N ALA A 254 10.84 15.20 12.35
CA ALA A 254 10.76 15.38 10.90
C ALA A 254 9.38 14.95 10.39
N LYS A 255 8.85 13.81 10.88
CA LYS A 255 7.53 13.40 10.40
C LYS A 255 6.41 14.32 10.89
N LEU A 256 6.52 14.78 12.15
CA LEU A 256 5.56 15.75 12.67
C LEU A 256 5.54 17.03 11.86
N ALA A 257 6.73 17.50 11.43
CA ALA A 257 6.84 18.69 10.58
C ALA A 257 6.21 18.48 9.20
N GLN A 258 6.50 17.33 8.58
CA GLN A 258 5.96 16.98 7.28
C GLN A 258 4.45 16.94 7.40
N GLN A 259 3.98 16.29 8.47
CA GLN A 259 2.56 16.17 8.74
C GLN A 259 1.88 17.55 8.78
N SER A 260 2.57 18.52 9.41
CA SER A 260 2.09 19.89 9.47
C SER A 260 1.93 20.48 8.06
N THR A 261 2.97 20.31 7.22
CA THR A 261 2.91 20.79 5.85
C THR A 261 1.78 20.10 5.10
N ASP A 262 1.63 18.79 5.30
CA ASP A 262 0.54 18.09 4.62
C ASP A 262 -0.86 18.62 4.98
N PHE A 263 -1.14 18.82 6.28
CA PHE A 263 -2.43 19.32 6.72
C PHE A 263 -2.59 20.74 6.15
N GLN A 264 -1.50 21.53 6.14
CA GLN A 264 -1.59 22.92 5.71
C GLN A 264 -2.09 23.00 4.28
N GLY A 265 -1.57 22.10 3.42
CA GLY A 265 -1.96 22.16 2.01
C GLY A 265 -3.42 21.75 1.79
N VAL A 266 -3.95 20.84 2.65
CA VAL A 266 -5.34 20.42 2.52
C VAL A 266 -6.28 21.59 2.87
N ALA A 267 -5.99 22.27 4.00
CA ALA A 267 -6.74 23.45 4.38
C ALA A 267 -6.67 24.53 3.29
N ALA A 268 -5.45 24.79 2.79
CA ALA A 268 -5.25 25.86 1.80
C ALA A 268 -6.00 25.55 0.50
N ALA A 269 -6.05 24.24 0.10
CA ALA A 269 -6.76 23.85 -1.11
C ALA A 269 -8.25 24.20 -0.96
N CYS A 270 -8.83 23.89 0.20
CA CYS A 270 -10.25 24.18 0.42
C CYS A 270 -10.53 25.70 0.39
N VAL A 271 -9.71 26.44 1.12
CA VAL A 271 -9.84 27.89 1.21
C VAL A 271 -9.71 28.49 -0.19
N SER A 272 -8.93 27.85 -1.07
CA SER A 272 -8.70 28.37 -2.41
C SER A 272 -9.84 28.11 -3.38
N THR A 273 -10.78 27.21 -3.01
CA THR A 273 -11.75 26.71 -3.96
C THR A 273 -13.12 27.27 -3.66
N THR A 274 -13.67 28.04 -4.62
CA THR A 274 -15.04 28.48 -4.47
C THR A 274 -15.91 27.24 -4.38
N GLY A 275 -16.77 27.18 -3.34
CA GLY A 275 -17.68 26.04 -3.22
C GLY A 275 -17.15 24.91 -2.31
N CYS A 276 -15.93 25.05 -1.77
CA CYS A 276 -15.51 24.17 -0.67
C CYS A 276 -16.03 24.73 0.66
N VAL A 277 -16.97 24.02 1.31
CA VAL A 277 -17.76 24.57 2.41
C VAL A 277 -17.10 24.30 3.75
N GLY A 278 -16.12 23.39 3.80
CA GLY A 278 -15.56 23.10 5.10
C GLY A 278 -14.66 21.87 5.11
N VAL A 279 -13.98 21.70 6.26
CA VAL A 279 -13.13 20.54 6.49
C VAL A 279 -13.61 19.93 7.82
N THR A 280 -13.69 18.59 7.85
CA THR A 280 -13.96 17.88 9.08
C THR A 280 -12.76 16.94 9.27
N ILE A 281 -12.10 16.94 10.45
CA ILE A 281 -11.07 15.94 10.75
C ILE A 281 -11.74 14.73 11.40
N TRP A 282 -11.15 13.55 11.17
CA TRP A 282 -11.76 12.30 11.61
C TRP A 282 -11.43 12.03 13.09
N ASP A 283 -12.15 12.76 13.97
CA ASP A 283 -11.74 12.99 15.38
C ASP A 283 -10.54 13.94 15.41
N TRP A 284 -10.11 14.36 16.61
CA TRP A 284 -9.14 15.46 16.68
C TRP A 284 -7.90 15.07 17.49
N THR A 285 -8.01 14.00 18.32
CA THR A 285 -6.88 13.49 19.12
C THR A 285 -6.44 12.11 18.67
N ASP A 286 -5.13 11.89 18.63
CA ASP A 286 -4.59 10.57 18.24
C ASP A 286 -5.17 9.44 19.11
N LYS A 287 -5.57 9.75 20.36
CA LYS A 287 -6.07 8.69 21.25
C LYS A 287 -7.26 7.99 20.61
N TYR A 288 -8.04 8.73 19.81
CA TYR A 288 -9.28 8.20 19.24
C TYR A 288 -9.24 8.23 17.71
N SER A 289 -8.06 8.19 17.12
CA SER A 289 -7.94 8.14 15.68
C SER A 289 -8.36 6.76 15.14
N TRP A 290 -8.68 6.74 13.85
CA TRP A 290 -9.11 5.52 13.18
C TRP A 290 -7.92 4.88 12.50
N VAL A 291 -7.35 3.88 13.17
CA VAL A 291 -6.25 3.20 12.53
C VAL A 291 -6.49 1.70 12.69
N PRO A 292 -7.26 1.13 11.77
CA PRO A 292 -7.57 -0.30 11.83
C PRO A 292 -6.37 -1.12 11.35
N SER A 293 -6.49 -2.45 11.53
CA SER A 293 -5.38 -3.38 11.40
C SER A 293 -4.71 -3.32 10.02
N VAL A 294 -5.47 -2.95 8.99
CA VAL A 294 -4.90 -2.90 7.66
C VAL A 294 -3.79 -1.84 7.59
N PHE A 295 -3.83 -0.85 8.49
CA PHE A 295 -2.77 0.16 8.48
C PHE A 295 -1.80 -0.06 9.63
N GLN A 296 -1.70 -1.29 10.14
CA GLN A 296 -0.71 -1.54 11.17
C GLN A 296 0.65 -0.98 10.72
N GLY A 297 1.33 -0.30 11.64
CA GLY A 297 2.60 0.30 11.26
C GLY A 297 2.45 1.81 11.04
N TYR A 298 1.21 2.29 10.96
CA TYR A 298 0.92 3.73 10.83
C TYR A 298 0.21 4.21 12.08
N GLY A 299 0.19 5.53 12.31
CA GLY A 299 -0.55 6.05 13.44
C GLY A 299 -0.37 7.58 13.55
N ALA A 300 -0.52 8.08 14.79
CA ALA A 300 -0.44 9.50 15.11
C ALA A 300 -1.01 10.38 13.98
N PRO A 301 -2.31 10.25 13.57
CA PRO A 301 -2.80 10.92 12.36
C PRO A 301 -3.43 12.30 12.48
N LEU A 302 -3.49 12.86 13.71
CA LEU A 302 -4.40 13.98 13.94
C LEU A 302 -3.68 15.22 14.51
N PRO A 303 -4.33 16.39 14.61
CA PRO A 303 -3.62 17.58 15.05
C PRO A 303 -3.34 17.69 16.55
N TRP A 304 -3.96 16.83 17.38
CA TRP A 304 -3.64 16.75 18.80
C TRP A 304 -3.16 15.35 19.12
N ASP A 305 -2.27 15.23 20.13
CA ASP A 305 -1.72 13.93 20.44
C ASP A 305 -2.66 13.19 21.43
N GLU A 306 -2.21 12.03 21.89
CA GLU A 306 -3.07 11.15 22.67
C GLU A 306 -3.27 11.72 24.06
N ASN A 307 -2.53 12.79 24.41
CA ASN A 307 -2.68 13.47 25.69
C ASN A 307 -3.46 14.78 25.54
N TYR A 308 -4.11 14.95 24.36
CA TYR A 308 -4.91 16.11 24.05
C TYR A 308 -4.03 17.36 23.96
N VAL A 309 -2.78 17.18 23.56
CA VAL A 309 -1.86 18.31 23.42
C VAL A 309 -1.60 18.57 21.93
N LYS A 310 -1.61 19.85 21.54
CA LYS A 310 -1.47 20.16 20.12
C LYS A 310 -0.14 19.63 19.56
N LYS A 311 -0.20 19.16 18.32
CA LYS A 311 0.97 18.77 17.55
C LYS A 311 1.25 19.89 16.52
N PRO A 312 2.39 19.87 15.83
CA PRO A 312 2.68 20.88 14.81
C PRO A 312 1.61 21.01 13.73
N ALA A 313 0.93 19.89 13.43
CA ALA A 313 -0.16 19.92 12.47
C ALA A 313 -1.26 20.93 12.83
N TYR A 314 -1.46 21.24 14.12
CA TYR A 314 -2.48 22.24 14.42
C TYR A 314 -2.08 23.59 13.80
N ASP A 315 -0.81 23.97 13.96
CA ASP A 315 -0.31 25.23 13.42
C ASP A 315 -0.34 25.19 11.89
N GLY A 316 -0.01 24.01 11.34
CA GLY A 316 -0.12 23.82 9.88
C GLY A 316 -1.53 24.14 9.37
N LEU A 317 -2.56 23.58 10.03
CA LEU A 317 -3.94 23.87 9.67
C LEU A 317 -4.20 25.38 9.78
N MET A 318 -3.83 25.98 10.91
CA MET A 318 -4.05 27.42 11.07
C MET A 318 -3.40 28.19 9.92
N ALA A 319 -2.16 27.82 9.56
CA ALA A 319 -1.48 28.51 8.45
C ALA A 319 -2.25 28.33 7.14
N GLY A 320 -2.74 27.08 6.89
CA GLY A 320 -3.48 26.78 5.67
C GLY A 320 -4.82 27.53 5.59
N LEU A 321 -5.44 27.81 6.75
CA LEU A 321 -6.67 28.59 6.80
C LEU A 321 -6.37 30.08 6.82
N GLY A 322 -5.09 30.45 6.76
CA GLY A 322 -4.74 31.85 6.59
C GLY A 322 -4.67 32.60 7.93
N ALA A 323 -4.56 31.86 9.05
CA ALA A 323 -4.44 32.45 10.38
C ALA A 323 -3.12 32.02 11.03
N ALA B 5 26.19 -24.18 14.28
CA ALA B 5 24.74 -24.39 14.51
C ALA B 5 24.01 -24.50 13.17
N GLY B 6 24.35 -23.69 12.15
CA GLY B 6 23.54 -23.67 10.94
C GLY B 6 24.09 -22.75 9.86
N LEU B 7 23.37 -22.63 8.73
CA LEU B 7 23.89 -21.89 7.58
C LEU B 7 24.11 -20.42 7.93
N ASN B 8 23.16 -19.80 8.66
CA ASN B 8 23.26 -18.38 8.96
C ASN B 8 24.39 -18.11 9.96
N THR B 9 24.49 -18.93 11.02
CA THR B 9 25.60 -18.72 11.97
C THR B 9 26.94 -18.87 11.27
N ALA B 10 27.08 -19.87 10.39
CA ALA B 10 28.32 -20.16 9.69
C ALA B 10 28.67 -18.98 8.80
N ALA B 11 27.68 -18.48 8.03
CA ALA B 11 27.88 -17.35 7.13
C ALA B 11 28.36 -16.11 7.90
N LYS B 12 27.71 -15.78 9.02
CA LYS B 12 28.05 -14.58 9.76
C LYS B 12 29.45 -14.70 10.38
N ALA B 13 29.83 -15.95 10.71
CA ALA B 13 31.12 -16.19 11.34
C ALA B 13 32.21 -15.83 10.34
N LYS B 14 31.90 -16.01 9.04
CA LYS B 14 32.83 -15.71 7.96
C LYS B 14 32.69 -14.29 7.46
N GLY B 15 31.88 -13.46 8.11
CA GLY B 15 31.80 -12.04 7.78
C GLY B 15 30.66 -11.72 6.81
N LEU B 16 29.88 -12.71 6.36
CA LEU B 16 28.67 -12.42 5.58
C LEU B 16 27.61 -11.80 6.49
N LYS B 17 26.69 -11.02 5.92
CA LYS B 17 25.61 -10.44 6.69
C LYS B 17 24.55 -11.48 7.05
N TYR B 18 24.35 -12.48 6.18
CA TYR B 18 23.25 -13.43 6.34
C TYR B 18 23.44 -14.64 5.42
N PHE B 19 22.81 -15.74 5.80
CA PHE B 19 22.31 -16.75 4.88
C PHE B 19 20.80 -16.77 5.04
N GLY B 20 20.04 -16.73 3.92
CA GLY B 20 18.60 -16.57 4.02
C GLY B 20 17.85 -17.44 3.02
N SER B 21 16.51 -17.30 3.03
CA SER B 21 15.59 -18.07 2.21
C SER B 21 14.44 -17.19 1.72
N ALA B 22 14.01 -17.41 0.47
CA ALA B 22 12.71 -16.89 0.06
C ALA B 22 11.61 -17.77 0.65
N THR B 23 10.40 -17.22 0.60
CA THR B 23 9.18 -17.94 1.00
C THR B 23 8.01 -17.37 0.20
N ASP B 24 6.80 -17.89 0.44
CA ASP B 24 5.63 -17.26 -0.14
C ASP B 24 4.45 -17.50 0.80
N ASN B 25 3.44 -16.65 0.71
CA ASN B 25 2.40 -16.57 1.71
C ASN B 25 1.66 -17.90 1.84
N PRO B 26 1.39 -18.66 0.74
CA PRO B 26 0.70 -19.95 0.89
C PRO B 26 1.39 -21.00 1.76
N GLU B 27 2.70 -20.82 1.98
CA GLU B 27 3.46 -21.78 2.77
C GLU B 27 3.29 -21.49 4.28
N LEU B 28 2.83 -20.29 4.61
CA LEU B 28 2.84 -19.83 5.99
C LEU B 28 1.75 -20.51 6.81
N THR B 29 0.82 -21.25 6.19
CA THR B 29 -0.10 -22.02 6.99
C THR B 29 0.48 -23.39 7.33
N ASP B 30 1.69 -23.73 6.82
CA ASP B 30 2.29 -25.02 7.15
C ASP B 30 3.22 -24.77 8.34
N SER B 31 2.75 -25.12 9.53
CA SER B 31 3.43 -24.70 10.75
C SER B 31 4.78 -25.41 10.91
N ALA B 32 4.90 -26.64 10.39
CA ALA B 32 6.20 -27.30 10.41
C ALA B 32 7.22 -26.57 9.52
N TYR B 33 6.74 -26.10 8.37
CA TYR B 33 7.53 -25.34 7.42
C TYR B 33 7.99 -24.04 8.06
N VAL B 34 7.03 -23.34 8.68
CA VAL B 34 7.29 -22.05 9.26
C VAL B 34 8.30 -22.18 10.40
N ALA B 35 8.20 -23.27 11.19
CA ALA B 35 9.17 -23.45 12.27
C ALA B 35 10.62 -23.37 11.76
N GLN B 36 10.91 -24.06 10.67
CA GLN B 36 12.26 -24.16 10.11
C GLN B 36 12.65 -22.87 9.41
N LEU B 37 11.70 -22.24 8.71
CA LEU B 37 11.96 -20.95 8.07
C LEU B 37 12.38 -19.95 9.14
N SER B 38 11.84 -20.13 10.36
CA SER B 38 12.04 -19.18 11.43
C SER B 38 13.27 -19.57 12.26
N ASN B 39 13.94 -20.65 11.89
CA ASN B 39 15.17 -21.08 12.56
C ASN B 39 16.34 -20.18 12.15
N THR B 40 16.70 -19.23 13.02
CA THR B 40 17.69 -18.22 12.68
C THR B 40 19.13 -18.73 12.77
N ASP B 41 19.34 -19.98 13.22
CA ASP B 41 20.62 -20.60 13.01
C ASP B 41 20.86 -20.83 11.52
N ASP B 42 19.79 -21.17 10.78
CA ASP B 42 19.89 -21.42 9.35
C ASP B 42 19.58 -20.15 8.54
N PHE B 43 18.55 -19.38 8.93
CA PHE B 43 18.11 -18.28 8.08
C PHE B 43 18.05 -16.98 8.86
N GLY B 44 18.91 -16.04 8.46
CA GLY B 44 18.94 -14.72 9.07
C GLY B 44 18.25 -13.65 8.21
N GLN B 45 17.61 -14.09 7.10
CA GLN B 45 17.08 -13.14 6.12
C GLN B 45 15.99 -13.85 5.31
N ILE B 46 14.96 -13.09 4.91
CA ILE B 46 13.84 -13.62 4.13
C ILE B 46 13.62 -12.75 2.90
N THR B 47 13.21 -13.36 1.76
CA THR B 47 12.75 -12.63 0.58
C THR B 47 11.31 -13.08 0.33
N PRO B 48 10.36 -12.16 0.12
CA PRO B 48 9.04 -12.58 -0.32
C PRO B 48 9.10 -12.99 -1.79
N GLY B 49 8.67 -14.21 -2.07
CA GLY B 49 8.80 -14.73 -3.43
C GLY B 49 7.87 -14.05 -4.43
N ASN B 50 6.69 -13.59 -3.98
CA ASN B 50 5.70 -13.01 -4.89
C ASN B 50 5.03 -11.73 -4.38
N SER B 51 4.92 -11.53 -3.04
CA SER B 51 3.92 -10.56 -2.59
C SER B 51 4.45 -9.11 -2.61
N MET B 52 5.67 -8.88 -3.11
CA MET B 52 6.12 -7.50 -3.25
C MET B 52 6.27 -7.13 -4.74
N LYS B 53 5.89 -8.03 -5.64
CA LYS B 53 6.01 -7.75 -7.07
C LYS B 53 4.91 -6.79 -7.54
N TRP B 54 5.01 -6.31 -8.78
CA TRP B 54 4.14 -5.24 -9.23
C TRP B 54 2.67 -5.71 -9.31
N ASP B 55 2.44 -6.94 -9.81
CA ASP B 55 1.07 -7.42 -9.91
C ASP B 55 0.42 -7.49 -8.53
N ALA B 56 1.21 -7.84 -7.51
CA ALA B 56 0.68 -8.01 -6.17
C ALA B 56 0.47 -6.64 -5.51
N THR B 57 1.35 -5.66 -5.81
CA THR B 57 1.35 -4.44 -5.01
C THR B 57 0.55 -3.31 -5.64
N GLU B 58 0.38 -3.34 -6.99
CA GLU B 58 -0.30 -2.22 -7.65
C GLU B 58 -1.26 -2.80 -8.67
N PRO B 59 -2.34 -3.48 -8.20
CA PRO B 59 -3.23 -4.27 -9.06
C PRO B 59 -4.02 -3.39 -10.02
N SER B 60 -4.22 -2.11 -9.66
CA SER B 60 -4.73 -1.15 -10.62
C SER B 60 -3.93 0.13 -10.49
N GLN B 61 -3.97 0.97 -11.53
CA GLN B 61 -3.05 2.10 -11.57
C GLN B 61 -3.28 3.02 -10.36
N ASN B 62 -2.20 3.28 -9.62
CA ASN B 62 -2.16 4.19 -8.47
C ASN B 62 -3.01 3.66 -7.32
N SER B 63 -3.24 2.35 -7.27
CA SER B 63 -3.92 1.75 -6.14
C SER B 63 -3.05 0.62 -5.59
N PHE B 64 -2.69 0.67 -4.30
CA PHE B 64 -1.65 -0.19 -3.74
C PHE B 64 -2.24 -1.17 -2.76
N SER B 65 -1.58 -2.33 -2.67
CA SER B 65 -2.07 -3.40 -1.84
C SER B 65 -0.88 -4.10 -1.16
N PHE B 66 -0.75 -3.94 0.16
CA PHE B 66 0.47 -4.35 0.84
C PHE B 66 0.23 -5.46 1.86
N ALA B 67 -1.03 -5.93 2.02
CA ALA B 67 -1.29 -6.86 3.12
C ALA B 67 -0.39 -8.09 3.02
N ASN B 68 -0.22 -8.67 1.81
CA ASN B 68 0.52 -9.93 1.76
C ASN B 68 2.03 -9.71 1.94
N GLY B 69 2.52 -8.58 1.42
CA GLY B 69 3.92 -8.26 1.64
C GLY B 69 4.19 -8.03 3.12
N ASP B 70 3.28 -7.28 3.76
CA ASP B 70 3.43 -6.91 5.15
C ASP B 70 3.46 -8.14 6.05
N ALA B 71 2.68 -9.18 5.70
CA ALA B 71 2.66 -10.40 6.49
C ALA B 71 4.05 -11.05 6.55
N VAL B 72 4.75 -11.03 5.41
CA VAL B 72 6.08 -11.60 5.35
C VAL B 72 7.00 -10.73 6.19
N VAL B 73 6.94 -9.40 6.03
CA VAL B 73 7.77 -8.49 6.81
C VAL B 73 7.58 -8.73 8.31
N ASN B 74 6.30 -8.88 8.70
CA ASN B 74 5.98 -9.16 10.09
C ASN B 74 6.62 -10.45 10.61
N LEU B 75 6.61 -11.54 9.79
CA LEU B 75 7.27 -12.78 10.21
C LEU B 75 8.77 -12.54 10.43
N ALA B 76 9.42 -11.89 9.44
CA ALA B 76 10.85 -11.62 9.58
C ALA B 76 11.13 -10.77 10.83
N ASN B 77 10.30 -9.74 11.02
CA ASN B 77 10.40 -8.84 12.17
C ASN B 77 10.33 -9.67 13.45
N LYS B 78 9.34 -10.56 13.57
CA LYS B 78 9.17 -11.35 14.78
C LYS B 78 10.41 -12.22 15.03
N ASN B 79 11.03 -12.74 13.95
CA ASN B 79 12.13 -13.68 14.03
C ASN B 79 13.48 -12.98 14.19
N GLY B 80 13.52 -11.66 13.96
CA GLY B 80 14.76 -10.90 13.93
C GLY B 80 15.59 -11.16 12.66
N GLN B 81 14.90 -11.43 11.53
CA GLN B 81 15.53 -11.69 10.25
C GLN B 81 15.48 -10.41 9.41
N LEU B 82 16.51 -10.22 8.57
CA LEU B 82 16.53 -9.12 7.60
C LEU B 82 15.57 -9.47 6.47
N MET B 83 15.17 -8.44 5.73
CA MET B 83 14.34 -8.59 4.53
C MET B 83 15.17 -8.16 3.33
N ARG B 84 15.06 -8.91 2.23
CA ARG B 84 15.35 -8.38 0.90
C ARG B 84 13.99 -8.21 0.23
N CYS B 85 13.73 -7.01 -0.28
CA CYS B 85 12.47 -6.66 -0.92
C CYS B 85 12.65 -6.84 -2.43
N HIS B 86 11.64 -7.46 -3.07
CA HIS B 86 11.80 -8.05 -4.39
C HIS B 86 10.42 -8.02 -5.04
N THR B 87 10.24 -7.30 -6.18
CA THR B 87 11.17 -6.52 -7.00
C THR B 87 10.33 -5.41 -7.64
N LEU B 88 10.93 -4.22 -7.90
CA LEU B 88 10.14 -3.06 -8.31
C LEU B 88 9.90 -3.08 -9.83
N VAL B 89 10.94 -2.99 -10.67
CA VAL B 89 10.74 -2.89 -12.11
C VAL B 89 11.17 -4.19 -12.79
N TRP B 90 10.21 -4.92 -13.36
CA TRP B 90 10.47 -6.22 -13.97
C TRP B 90 9.45 -6.42 -15.08
N HIS B 91 9.86 -7.09 -16.17
CA HIS B 91 8.96 -7.24 -17.31
C HIS B 91 7.93 -8.35 -17.09
N SER B 92 8.15 -9.21 -16.09
CA SER B 92 7.20 -10.29 -15.80
C SER B 92 6.36 -9.93 -14.60
N GLN B 93 5.23 -10.64 -14.47
CA GLN B 93 4.32 -10.42 -13.33
C GLN B 93 3.93 -8.95 -13.21
N LEU B 94 3.71 -8.33 -14.37
CA LEU B 94 3.13 -7.00 -14.41
C LEU B 94 1.63 -7.17 -14.41
N PRO B 95 0.89 -6.24 -13.79
CA PRO B 95 -0.57 -6.18 -13.99
C PRO B 95 -0.88 -5.81 -15.45
N ASN B 96 -2.07 -6.26 -15.90
CA ASN B 96 -2.48 -6.09 -17.29
C ASN B 96 -2.53 -4.59 -17.64
N TRP B 97 -2.77 -3.72 -16.66
CA TRP B 97 -2.88 -2.29 -16.96
C TRP B 97 -1.55 -1.70 -17.40
N VAL B 98 -0.42 -2.31 -16.95
CA VAL B 98 0.87 -1.90 -17.48
C VAL B 98 1.05 -2.55 -18.85
N SER B 99 0.97 -3.89 -18.92
CA SER B 99 1.42 -4.61 -20.10
C SER B 99 0.54 -4.30 -21.32
N SER B 100 -0.74 -4.01 -21.10
CA SER B 100 -1.67 -3.75 -22.19
C SER B 100 -2.03 -2.27 -22.29
N GLY B 101 -1.37 -1.42 -21.48
CA GLY B 101 -1.74 -0.02 -21.38
C GLY B 101 -1.29 0.78 -22.61
N SER B 102 -1.86 1.98 -22.77
CA SER B 102 -1.48 2.84 -23.86
C SER B 102 -0.55 3.92 -23.31
N TRP B 103 0.73 3.84 -23.64
CA TRP B 103 1.71 4.69 -22.96
C TRP B 103 2.44 5.58 -23.94
N THR B 104 2.89 6.71 -23.44
CA THR B 104 4.00 7.43 -24.03
C THR B 104 5.21 7.21 -23.12
N ASN B 105 6.38 7.57 -23.64
CA ASN B 105 7.57 7.78 -22.85
C ASN B 105 7.23 8.44 -21.50
N ALA B 106 6.56 9.61 -21.54
CA ALA B 106 6.32 10.39 -20.33
C ALA B 106 5.38 9.68 -19.38
N THR B 107 4.26 9.17 -19.91
CA THR B 107 3.25 8.59 -19.03
C THR B 107 3.73 7.27 -18.41
N LEU B 108 4.44 6.44 -19.18
CA LEU B 108 4.89 5.17 -18.59
C LEU B 108 6.01 5.47 -17.58
N LEU B 109 6.87 6.46 -17.86
CA LEU B 109 7.94 6.80 -16.93
C LEU B 109 7.30 7.30 -15.65
N ALA B 110 6.23 8.10 -15.78
CA ALA B 110 5.57 8.61 -14.58
C ALA B 110 4.95 7.47 -13.77
N ALA B 111 4.29 6.52 -14.47
CA ALA B 111 3.68 5.37 -13.80
C ALA B 111 4.72 4.51 -13.07
N MET B 112 5.88 4.30 -13.71
CA MET B 112 6.95 3.49 -13.14
C MET B 112 7.50 4.22 -11.92
N LYS B 113 7.77 5.53 -12.05
CA LYS B 113 8.25 6.23 -10.86
C LYS B 113 7.25 6.17 -9.70
N ASN B 114 5.99 6.35 -10.02
CA ASN B 114 4.92 6.35 -9.03
C ASN B 114 4.87 4.99 -8.32
N HIS B 115 5.01 3.91 -9.10
CA HIS B 115 5.04 2.58 -8.50
C HIS B 115 6.20 2.49 -7.52
N ILE B 116 7.41 2.88 -7.95
CA ILE B 116 8.57 2.78 -7.07
C ILE B 116 8.37 3.62 -5.82
N THR B 117 7.96 4.89 -5.99
CA THR B 117 7.91 5.77 -4.82
C THR B 117 6.95 5.20 -3.77
N ASN B 118 5.79 4.73 -4.23
CA ASN B 118 4.76 4.26 -3.31
C ASN B 118 5.24 3.00 -2.59
N VAL B 119 5.86 2.06 -3.32
CA VAL B 119 6.17 0.78 -2.73
C VAL B 119 7.38 0.91 -1.83
N VAL B 120 8.43 1.57 -2.32
CA VAL B 120 9.61 1.81 -1.49
C VAL B 120 9.25 2.64 -0.24
N THR B 121 8.40 3.66 -0.41
CA THR B 121 8.06 4.49 0.75
C THR B 121 7.32 3.65 1.80
N HIS B 122 6.41 2.79 1.36
CA HIS B 122 5.63 1.96 2.29
C HIS B 122 6.55 1.11 3.14
N TYR B 123 7.59 0.54 2.52
CA TYR B 123 8.49 -0.35 3.26
C TYR B 123 9.75 0.37 3.77
N LYS B 124 9.74 1.70 3.82
CA LYS B 124 10.98 2.40 4.20
C LYS B 124 11.46 1.89 5.57
N GLY B 125 12.77 1.60 5.66
CA GLY B 125 13.36 1.13 6.91
C GLY B 125 13.04 -0.32 7.26
N LYS B 126 12.32 -1.05 6.39
CA LYS B 126 11.99 -2.43 6.68
C LYS B 126 12.82 -3.40 5.85
N CYS B 127 13.56 -2.90 4.84
CA CYS B 127 14.24 -3.78 3.89
C CYS B 127 15.74 -3.52 3.99
N TYR B 128 16.55 -4.57 3.96
CA TYR B 128 18.01 -4.42 3.86
C TYR B 128 18.35 -3.95 2.45
N ALA B 129 17.67 -4.56 1.45
CA ALA B 129 17.96 -4.31 0.06
C ALA B 129 16.64 -4.32 -0.73
N TRP B 130 16.61 -3.60 -1.87
CA TRP B 130 15.58 -3.74 -2.89
C TRP B 130 16.23 -4.28 -4.16
N ASP B 131 15.57 -5.25 -4.81
CA ASP B 131 15.83 -5.50 -6.24
C ASP B 131 15.07 -4.45 -7.05
N VAL B 132 15.75 -3.35 -7.42
CA VAL B 132 15.09 -2.20 -8.02
C VAL B 132 14.69 -2.52 -9.46
N VAL B 133 15.67 -3.01 -10.24
CA VAL B 133 15.44 -3.46 -11.62
C VAL B 133 15.92 -4.89 -11.69
N ASN B 134 15.09 -5.72 -12.31
CA ASN B 134 15.31 -7.16 -12.38
C ASN B 134 15.30 -7.52 -13.87
N GLU B 135 16.35 -8.24 -14.29
CA GLU B 135 16.37 -8.94 -15.59
C GLU B 135 16.25 -7.96 -16.77
N ALA B 136 17.09 -6.91 -16.79
CA ALA B 136 16.93 -5.90 -17.86
C ALA B 136 17.74 -6.26 -19.10
N LEU B 137 18.41 -7.43 -19.10
CA LEU B 137 19.30 -7.81 -20.20
C LEU B 137 18.82 -9.08 -20.90
N ASN B 138 19.06 -9.14 -22.22
CA ASN B 138 19.03 -10.41 -22.97
C ASN B 138 20.34 -11.16 -22.79
N GLU B 139 20.43 -12.41 -23.27
CA GLU B 139 21.59 -13.28 -23.03
C GLU B 139 22.83 -12.84 -23.78
N ASP B 140 22.62 -12.02 -24.83
CA ASP B 140 23.73 -11.55 -25.65
C ASP B 140 24.21 -10.18 -25.14
N GLY B 141 23.69 -9.72 -24.01
CA GLY B 141 24.15 -8.44 -23.50
C GLY B 141 23.42 -7.25 -24.10
N THR B 142 22.39 -7.49 -24.94
CA THR B 142 21.53 -6.39 -25.40
C THR B 142 20.50 -6.06 -24.31
N PHE B 143 19.93 -4.85 -24.34
CA PHE B 143 18.79 -4.56 -23.45
C PHE B 143 17.59 -5.47 -23.75
N ARG B 144 16.98 -6.03 -22.67
CA ARG B 144 15.73 -6.74 -22.82
C ARG B 144 14.68 -5.81 -23.41
N ASN B 145 13.93 -6.32 -24.39
CA ASN B 145 12.93 -5.50 -25.10
C ASN B 145 11.61 -5.44 -24.36
N SER B 146 11.64 -5.05 -23.07
CA SER B 146 10.45 -4.95 -22.25
C SER B 146 9.68 -3.69 -22.61
N VAL B 147 8.47 -3.55 -22.09
CA VAL B 147 7.73 -2.32 -22.34
C VAL B 147 8.53 -1.09 -21.90
N PHE B 148 9.28 -1.19 -20.78
CA PHE B 148 10.01 -0.05 -20.23
C PHE B 148 11.11 0.36 -21.20
N TYR B 149 11.81 -0.65 -21.75
CA TYR B 149 12.91 -0.34 -22.66
C TYR B 149 12.36 0.25 -23.95
N GLN B 150 11.31 -0.34 -24.49
CA GLN B 150 10.86 0.07 -25.81
C GLN B 150 10.23 1.46 -25.78
N ILE B 151 9.56 1.81 -24.66
CA ILE B 151 8.73 3.01 -24.59
C ILE B 151 9.51 4.16 -23.95
N ILE B 152 10.28 3.87 -22.89
CA ILE B 152 11.01 4.92 -22.19
C ILE B 152 12.42 5.05 -22.74
N GLY B 153 13.04 3.92 -23.10
CA GLY B 153 14.42 3.87 -23.49
C GLY B 153 15.26 3.46 -22.29
N PRO B 154 16.58 3.35 -22.47
CA PRO B 154 17.46 2.86 -21.41
C PRO B 154 17.53 3.66 -20.12
N ALA B 155 17.12 4.95 -20.20
CA ALA B 155 17.14 5.84 -19.04
C ALA B 155 16.17 5.30 -17.97
N TYR B 156 15.24 4.37 -18.31
CA TYR B 156 14.31 3.87 -17.28
C TYR B 156 15.13 3.29 -16.13
N ILE B 157 16.28 2.70 -16.47
CA ILE B 157 17.07 1.97 -15.46
C ILE B 157 17.66 2.92 -14.43
N PRO B 158 18.51 3.92 -14.79
CA PRO B 158 19.00 4.82 -13.77
C PRO B 158 17.89 5.62 -13.07
N ILE B 159 16.83 5.98 -13.82
CA ILE B 159 15.75 6.73 -13.21
C ILE B 159 15.08 5.86 -12.14
N ALA B 160 14.97 4.54 -12.36
CA ALA B 160 14.36 3.68 -11.33
C ALA B 160 15.18 3.72 -10.03
N PHE B 161 16.51 3.69 -10.20
CA PHE B 161 17.40 3.71 -9.04
C PHE B 161 17.30 5.06 -8.31
N ALA B 162 17.39 6.16 -9.08
CA ALA B 162 17.23 7.49 -8.49
C ALA B 162 15.90 7.62 -7.71
N THR B 163 14.83 7.08 -8.25
CA THR B 163 13.51 7.21 -7.62
C THR B 163 13.46 6.44 -6.31
N ALA B 164 14.05 5.22 -6.31
CA ALA B 164 14.09 4.40 -5.11
C ALA B 164 14.94 5.09 -4.04
N ALA B 165 16.07 5.68 -4.46
CA ALA B 165 16.99 6.32 -3.52
C ALA B 165 16.29 7.48 -2.82
N ALA B 166 15.42 8.18 -3.56
CA ALA B 166 14.76 9.37 -3.03
C ALA B 166 13.74 8.98 -1.96
N ALA B 167 13.09 7.82 -2.16
CA ALA B 167 12.01 7.33 -1.30
C ALA B 167 12.57 6.65 -0.06
N ASP B 168 13.75 6.04 -0.16
CA ASP B 168 14.38 5.39 0.98
C ASP B 168 15.89 5.47 0.80
N PRO B 169 16.54 6.53 1.36
CA PRO B 169 17.98 6.69 1.18
C PRO B 169 18.88 5.62 1.81
N ASP B 170 18.35 4.79 2.73
CA ASP B 170 19.17 3.89 3.55
C ASP B 170 19.22 2.49 2.96
N VAL B 171 18.20 2.08 2.20
CA VAL B 171 18.18 0.73 1.69
C VAL B 171 19.22 0.52 0.58
N LYS B 172 19.82 -0.68 0.54
CA LYS B 172 20.73 -1.01 -0.55
C LYS B 172 19.95 -1.24 -1.84
N LEU B 173 20.36 -0.59 -2.94
CA LEU B 173 19.63 -0.67 -4.19
C LEU B 173 20.37 -1.62 -5.14
N TYR B 174 19.72 -2.73 -5.48
CA TYR B 174 20.39 -3.74 -6.29
C TYR B 174 19.85 -3.79 -7.72
N TYR B 175 20.76 -4.13 -8.67
CA TYR B 175 20.32 -4.59 -9.99
C TYR B 175 20.39 -6.13 -9.92
N ASN B 176 19.30 -6.83 -10.28
CA ASN B 176 19.24 -8.29 -10.04
C ASN B 176 19.05 -8.99 -11.38
N ASP B 177 19.77 -10.11 -11.64
CA ASP B 177 19.63 -10.80 -12.91
C ASP B 177 20.13 -12.23 -12.78
N TYR B 178 19.81 -13.02 -13.81
CA TYR B 178 20.31 -14.38 -13.93
C TYR B 178 21.30 -14.46 -15.10
N ASN B 179 22.13 -15.53 -15.09
CA ASN B 179 23.09 -15.81 -16.16
C ASN B 179 24.16 -14.72 -16.22
N ILE B 180 24.31 -14.00 -15.11
CA ILE B 180 25.34 -12.98 -14.94
C ILE B 180 26.37 -13.46 -13.91
N GLU B 181 26.34 -14.76 -13.53
CA GLU B 181 27.21 -15.28 -12.48
C GLU B 181 28.52 -15.83 -13.06
N TYR B 182 28.57 -15.99 -14.37
CA TYR B 182 29.74 -16.57 -15.03
C TYR B 182 30.15 -15.67 -16.17
N SER B 183 31.41 -15.79 -16.61
CA SER B 183 31.89 -14.79 -17.54
C SER B 183 31.21 -14.96 -18.90
N GLY B 184 30.93 -13.85 -19.53
CA GLY B 184 30.18 -13.94 -20.77
C GLY B 184 29.60 -12.58 -21.13
N ALA B 185 28.88 -12.52 -22.26
CA ALA B 185 28.37 -11.25 -22.74
C ALA B 185 27.39 -10.61 -21.73
N LYS B 186 26.60 -11.44 -21.05
CA LYS B 186 25.55 -10.90 -20.19
C LYS B 186 26.19 -10.32 -18.92
N ALA B 187 27.16 -11.05 -18.34
CA ALA B 187 27.83 -10.49 -17.17
C ALA B 187 28.58 -9.18 -17.52
N THR B 188 29.27 -9.15 -18.68
CA THR B 188 29.90 -7.89 -19.10
C THR B 188 28.87 -6.76 -19.23
N ALA B 189 27.69 -7.06 -19.82
CA ALA B 189 26.64 -6.05 -20.00
C ALA B 189 26.10 -5.61 -18.63
N ALA B 190 26.09 -6.53 -17.65
CA ALA B 190 25.64 -6.17 -16.29
C ALA B 190 26.65 -5.19 -15.65
N GLN B 191 27.95 -5.46 -15.86
CA GLN B 191 28.95 -4.48 -15.42
C GLN B 191 28.67 -3.11 -16.07
N ASN B 192 28.39 -3.14 -17.38
CA ASN B 192 28.09 -1.90 -18.09
C ASN B 192 26.87 -1.15 -17.55
N ILE B 193 25.83 -1.89 -17.15
CA ILE B 193 24.64 -1.33 -16.51
C ILE B 193 25.05 -0.64 -15.19
N VAL B 194 25.88 -1.28 -14.36
CA VAL B 194 26.33 -0.64 -13.13
C VAL B 194 27.03 0.70 -13.47
N LYS B 195 27.92 0.62 -14.48
CA LYS B 195 28.69 1.78 -14.87
C LYS B 195 27.77 2.91 -15.35
N MET B 196 26.73 2.54 -16.08
CA MET B 196 25.79 3.47 -16.69
C MET B 196 24.99 4.21 -15.62
N ILE B 197 24.46 3.47 -14.63
CA ILE B 197 23.71 4.04 -13.52
C ILE B 197 24.57 5.05 -12.75
N LYS B 198 25.82 4.68 -12.48
CA LYS B 198 26.77 5.58 -11.80
C LYS B 198 27.06 6.82 -12.64
N ALA B 199 27.29 6.62 -13.94
CA ALA B 199 27.63 7.75 -14.82
C ALA B 199 26.47 8.72 -14.95
N TYR B 200 25.22 8.24 -14.86
CA TYR B 200 24.01 9.05 -14.83
C TYR B 200 23.87 9.86 -13.53
N GLY B 201 24.56 9.45 -12.47
CA GLY B 201 24.53 10.13 -11.19
C GLY B 201 23.56 9.48 -10.19
N ALA B 202 23.00 8.31 -10.54
CA ALA B 202 22.08 7.62 -9.64
C ALA B 202 22.82 6.63 -8.75
N LYS B 203 22.25 6.36 -7.58
CA LYS B 203 22.86 5.48 -6.59
C LYS B 203 22.57 4.01 -6.95
N ILE B 204 23.62 3.18 -6.98
CA ILE B 204 23.46 1.72 -7.06
C ILE B 204 24.43 1.10 -6.05
N ASP B 205 23.91 0.23 -5.18
CA ASP B 205 24.71 -0.30 -4.09
C ASP B 205 25.18 -1.73 -4.35
N GLY B 206 24.41 -2.47 -5.16
CA GLY B 206 24.56 -3.92 -5.20
C GLY B 206 24.24 -4.55 -6.57
N VAL B 207 24.93 -5.66 -6.88
CA VAL B 207 24.48 -6.56 -7.94
C VAL B 207 24.00 -7.85 -7.28
N GLY B 208 22.76 -8.23 -7.65
CA GLY B 208 22.15 -9.47 -7.25
C GLY B 208 22.30 -10.52 -8.35
N LEU B 209 22.87 -11.67 -7.97
CA LEU B 209 23.19 -12.76 -8.89
C LEU B 209 22.21 -13.89 -8.55
N GLN B 210 21.21 -14.15 -9.42
CA GLN B 210 20.14 -15.07 -9.04
C GLN B 210 20.66 -16.47 -8.71
N ALA B 211 21.59 -17.01 -9.54
CA ALA B 211 22.19 -18.31 -9.28
C ALA B 211 21.16 -19.45 -9.34
N HIS B 212 20.33 -19.46 -10.38
CA HIS B 212 19.50 -20.62 -10.72
C HIS B 212 20.35 -21.54 -11.57
N PHE B 213 21.07 -22.46 -10.92
CA PHE B 213 22.06 -23.27 -11.65
C PHE B 213 21.51 -24.68 -11.92
N ILE B 214 22.28 -25.53 -12.63
CA ILE B 214 21.89 -26.91 -12.95
C ILE B 214 22.97 -27.85 -12.41
N VAL B 215 22.51 -28.94 -11.78
CA VAL B 215 23.43 -29.95 -11.27
C VAL B 215 24.30 -30.47 -12.41
N GLY B 216 25.62 -30.39 -12.20
CA GLY B 216 26.54 -30.92 -13.19
C GLY B 216 26.93 -29.89 -14.24
N SER B 217 26.19 -28.77 -14.27
CA SER B 217 26.45 -27.66 -15.20
C SER B 217 26.68 -26.34 -14.44
N THR B 218 27.04 -26.41 -13.17
CA THR B 218 27.23 -25.22 -12.34
C THR B 218 28.58 -24.60 -12.70
N PRO B 219 28.69 -23.25 -12.78
CA PRO B 219 30.02 -22.65 -13.06
C PRO B 219 31.03 -23.04 -11.98
N SER B 220 32.31 -23.11 -12.40
CA SER B 220 33.40 -23.43 -11.49
C SER B 220 33.51 -22.37 -10.42
N GLN B 221 34.03 -22.78 -9.25
CA GLN B 221 34.25 -21.87 -8.15
C GLN B 221 35.08 -20.66 -8.62
N SER B 222 36.10 -20.91 -9.46
CA SER B 222 36.94 -19.78 -9.87
C SER B 222 36.23 -18.85 -10.84
N ASP B 223 35.43 -19.39 -11.78
CA ASP B 223 34.60 -18.54 -12.65
C ASP B 223 33.68 -17.67 -11.79
N LEU B 224 32.97 -18.30 -10.84
CA LEU B 224 32.02 -17.59 -10.00
C LEU B 224 32.73 -16.45 -9.25
N THR B 225 33.88 -16.79 -8.66
CA THR B 225 34.65 -15.84 -7.88
C THR B 225 35.15 -14.66 -8.73
N THR B 226 35.67 -14.95 -9.92
CA THR B 226 36.17 -13.89 -10.80
C THR B 226 35.01 -12.93 -11.14
N VAL B 227 33.84 -13.50 -11.38
CA VAL B 227 32.71 -12.67 -11.79
C VAL B 227 32.25 -11.80 -10.62
N LEU B 228 32.21 -12.37 -9.39
CA LEU B 228 31.80 -11.58 -8.24
C LEU B 228 32.73 -10.38 -8.09
N LYS B 229 34.04 -10.63 -8.22
CA LYS B 229 35.04 -9.58 -8.03
C LYS B 229 35.02 -8.57 -9.16
N GLY B 230 34.59 -8.99 -10.34
CA GLY B 230 34.34 -8.08 -11.43
C GLY B 230 33.27 -7.04 -11.11
N TYR B 231 32.28 -7.40 -10.29
CA TYR B 231 31.28 -6.40 -9.89
C TYR B 231 31.78 -5.54 -8.72
N THR B 232 32.39 -6.18 -7.72
CA THR B 232 32.87 -5.42 -6.57
C THR B 232 33.94 -4.40 -6.96
N ALA B 233 34.65 -4.68 -8.06
CA ALA B 233 35.64 -3.71 -8.51
C ALA B 233 34.98 -2.41 -8.94
N LEU B 234 33.67 -2.43 -9.24
CA LEU B 234 32.95 -1.22 -9.63
C LEU B 234 32.41 -0.44 -8.45
N GLY B 235 32.62 -0.96 -7.24
CA GLY B 235 32.26 -0.20 -6.05
C GLY B 235 30.87 -0.56 -5.53
N VAL B 236 30.39 -1.77 -5.88
CA VAL B 236 29.11 -2.26 -5.36
C VAL B 236 29.37 -3.50 -4.51
N GLU B 237 28.39 -3.85 -3.66
CA GLU B 237 28.41 -5.14 -3.00
C GLU B 237 27.72 -6.15 -3.91
N VAL B 238 27.87 -7.43 -3.57
CA VAL B 238 27.23 -8.50 -4.33
C VAL B 238 26.52 -9.46 -3.37
N ALA B 239 25.52 -10.21 -3.90
CA ALA B 239 24.90 -11.28 -3.15
C ALA B 239 24.32 -12.29 -4.14
N TYR B 240 24.29 -13.57 -3.75
CA TYR B 240 23.56 -14.57 -4.53
C TYR B 240 22.13 -14.49 -3.98
N THR B 241 21.13 -14.24 -4.83
CA THR B 241 19.82 -13.77 -4.35
C THR B 241 18.75 -14.84 -4.47
N GLU B 242 18.95 -15.83 -5.36
CA GLU B 242 17.87 -16.80 -5.61
C GLU B 242 18.43 -18.20 -5.86
N LEU B 243 19.42 -18.59 -5.04
CA LEU B 243 20.20 -19.77 -5.38
C LEU B 243 19.30 -21.02 -5.31
N ASP B 244 19.38 -21.83 -6.37
CA ASP B 244 18.85 -23.21 -6.34
C ASP B 244 19.58 -23.97 -7.44
N ILE B 245 19.65 -25.30 -7.34
CA ILE B 245 20.41 -26.04 -8.33
C ILE B 245 19.58 -27.26 -8.76
N LYS B 246 18.69 -27.04 -9.73
CA LYS B 246 17.80 -28.08 -10.21
C LYS B 246 18.64 -29.20 -10.82
N MET B 247 18.16 -30.45 -10.64
CA MET B 247 18.82 -31.60 -11.24
C MET B 247 17.91 -32.30 -12.25
N GLN B 248 18.53 -32.88 -13.28
CA GLN B 248 17.82 -33.71 -14.22
C GLN B 248 17.38 -34.98 -13.49
N LEU B 249 16.08 -35.25 -13.54
CA LEU B 249 15.54 -36.32 -12.74
C LEU B 249 15.71 -37.63 -13.52
N PRO B 250 15.63 -38.80 -12.85
CA PRO B 250 15.34 -38.86 -11.42
C PRO B 250 16.60 -38.65 -10.58
N SER B 251 16.39 -38.37 -9.30
CA SER B 251 17.48 -38.22 -8.35
C SER B 251 18.23 -39.54 -8.20
N THR B 252 19.55 -39.45 -7.99
CA THR B 252 20.41 -40.58 -7.72
C THR B 252 21.41 -40.13 -6.67
N ALA B 253 22.09 -41.07 -6.01
CA ALA B 253 23.07 -40.72 -5.00
C ALA B 253 24.19 -39.85 -5.61
N ALA B 254 24.58 -40.23 -6.84
CA ALA B 254 25.63 -39.55 -7.59
C ALA B 254 25.20 -38.09 -7.87
N LYS B 255 23.94 -37.90 -8.25
CA LYS B 255 23.46 -36.57 -8.59
C LYS B 255 23.36 -35.69 -7.36
N LEU B 256 22.99 -36.29 -6.23
CA LEU B 256 22.90 -35.54 -4.97
C LEU B 256 24.29 -35.11 -4.52
N ALA B 257 25.29 -35.96 -4.80
CA ALA B 257 26.67 -35.65 -4.44
C ALA B 257 27.20 -34.52 -5.35
N GLN B 258 26.93 -34.58 -6.65
CA GLN B 258 27.34 -33.53 -7.57
C GLN B 258 26.62 -32.22 -7.18
N GLN B 259 25.33 -32.33 -6.82
CA GLN B 259 24.60 -31.18 -6.28
C GLN B 259 25.30 -30.55 -5.07
N SER B 260 25.73 -31.37 -4.09
CA SER B 260 26.45 -30.86 -2.93
C SER B 260 27.68 -30.05 -3.39
N THR B 261 28.44 -30.64 -4.32
CA THR B 261 29.67 -29.99 -4.78
C THR B 261 29.37 -28.63 -5.38
N ASP B 262 28.30 -28.60 -6.18
CA ASP B 262 27.86 -27.39 -6.85
C ASP B 262 27.50 -26.30 -5.83
N PHE B 263 26.66 -26.61 -4.83
CA PHE B 263 26.32 -25.67 -3.76
C PHE B 263 27.56 -25.18 -2.99
N GLN B 264 28.47 -26.11 -2.67
CA GLN B 264 29.69 -25.76 -1.96
C GLN B 264 30.45 -24.64 -2.69
N GLY B 265 30.59 -24.79 -4.02
CA GLY B 265 31.32 -23.86 -4.88
C GLY B 265 30.72 -22.45 -4.81
N VAL B 266 29.38 -22.39 -4.83
CA VAL B 266 28.70 -21.09 -4.75
C VAL B 266 29.00 -20.41 -3.41
N ALA B 267 28.75 -21.10 -2.29
CA ALA B 267 29.01 -20.56 -0.95
C ALA B 267 30.49 -20.14 -0.84
N ALA B 268 31.42 -20.97 -1.32
CA ALA B 268 32.84 -20.64 -1.15
C ALA B 268 33.24 -19.41 -1.98
N ALA B 269 32.59 -19.23 -3.16
CA ALA B 269 32.87 -18.09 -4.02
C ALA B 269 32.45 -16.80 -3.31
N CYS B 270 31.31 -16.85 -2.58
CA CYS B 270 30.87 -15.68 -1.82
C CYS B 270 31.85 -15.40 -0.69
N VAL B 271 32.22 -16.45 0.07
CA VAL B 271 33.11 -16.26 1.21
C VAL B 271 34.48 -15.72 0.78
N SER B 272 34.88 -16.02 -0.45
CA SER B 272 36.15 -15.59 -1.04
C SER B 272 36.17 -14.12 -1.43
N THR B 273 34.99 -13.48 -1.50
CA THR B 273 34.91 -12.16 -2.11
C THR B 273 34.53 -11.14 -1.06
N THR B 274 35.46 -10.19 -0.79
CA THR B 274 35.14 -9.02 0.02
C THR B 274 33.96 -8.28 -0.63
N GLY B 275 32.91 -7.99 0.15
CA GLY B 275 31.75 -7.31 -0.43
C GLY B 275 30.63 -8.27 -0.90
N CYS B 276 30.81 -9.60 -0.77
CA CYS B 276 29.67 -10.51 -0.95
C CYS B 276 28.96 -10.64 0.41
N VAL B 277 27.77 -10.07 0.51
CA VAL B 277 27.12 -9.85 1.79
C VAL B 277 26.29 -11.06 2.22
N GLY B 278 25.96 -11.92 1.26
CA GLY B 278 25.19 -13.09 1.66
C GLY B 278 24.59 -13.91 0.52
N VAL B 279 23.92 -15.00 0.91
CA VAL B 279 23.34 -15.95 -0.02
C VAL B 279 21.90 -16.12 0.46
N THR B 280 20.98 -16.02 -0.50
CA THR B 280 19.57 -16.40 -0.31
C THR B 280 19.26 -17.59 -1.22
N ILE B 281 18.71 -18.66 -0.63
CA ILE B 281 18.26 -19.78 -1.45
C ILE B 281 16.79 -19.53 -1.80
N TRP B 282 16.36 -20.07 -2.96
CA TRP B 282 15.02 -19.76 -3.46
C TRP B 282 14.00 -20.75 -2.86
N ASP B 283 13.60 -20.48 -1.61
CA ASP B 283 13.00 -21.44 -0.70
C ASP B 283 14.04 -22.47 -0.27
N TRP B 284 13.67 -23.39 0.65
CA TRP B 284 14.67 -24.21 1.31
C TRP B 284 14.38 -25.71 1.16
N THR B 285 13.10 -26.06 0.91
CA THR B 285 12.63 -27.45 0.79
C THR B 285 12.09 -27.70 -0.61
N ASP B 286 12.50 -28.84 -1.18
CA ASP B 286 12.06 -29.23 -2.51
C ASP B 286 10.54 -29.18 -2.62
N LYS B 287 9.83 -29.28 -1.47
CA LYS B 287 8.36 -29.33 -1.52
C LYS B 287 7.82 -28.03 -2.13
N TYR B 288 8.53 -26.92 -1.89
CA TYR B 288 8.07 -25.63 -2.34
C TYR B 288 9.10 -24.96 -3.25
N SER B 289 9.90 -25.80 -3.93
CA SER B 289 10.86 -25.27 -4.89
C SER B 289 10.11 -24.74 -6.13
N TRP B 290 10.77 -23.87 -6.89
CA TRP B 290 10.12 -23.37 -8.08
C TRP B 290 10.84 -23.92 -9.31
N VAL B 291 10.11 -24.79 -10.04
CA VAL B 291 10.56 -25.30 -11.33
C VAL B 291 9.46 -25.10 -12.35
N PRO B 292 9.54 -24.06 -13.18
CA PRO B 292 8.49 -23.77 -14.16
C PRO B 292 8.58 -24.75 -15.33
N SER B 293 7.46 -24.95 -16.03
CA SER B 293 7.29 -26.11 -16.91
C SER B 293 8.30 -26.13 -18.07
N VAL B 294 8.91 -24.97 -18.37
CA VAL B 294 10.01 -24.92 -19.33
C VAL B 294 11.18 -25.83 -18.94
N PHE B 295 11.28 -26.24 -17.67
CA PHE B 295 12.34 -27.13 -17.22
C PHE B 295 11.75 -28.52 -16.98
N GLN B 296 11.03 -29.05 -17.99
CA GLN B 296 10.45 -30.38 -17.93
C GLN B 296 11.51 -31.41 -17.53
N GLY B 297 11.17 -32.24 -16.55
CA GLY B 297 12.04 -33.33 -16.18
C GLY B 297 13.15 -32.87 -15.26
N TYR B 298 13.04 -31.64 -14.70
CA TYR B 298 14.02 -31.16 -13.74
C TYR B 298 13.38 -30.94 -12.37
N GLY B 299 14.15 -31.12 -11.28
CA GLY B 299 13.58 -30.97 -9.94
C GLY B 299 14.63 -31.08 -8.83
N ALA B 300 14.17 -31.40 -7.60
CA ALA B 300 14.94 -31.63 -6.41
C ALA B 300 16.04 -30.56 -6.25
N PRO B 301 15.74 -29.23 -6.35
CA PRO B 301 16.81 -28.23 -6.48
C PRO B 301 17.41 -27.70 -5.18
N LEU B 302 16.94 -28.12 -4.00
CA LEU B 302 17.23 -27.36 -2.78
C LEU B 302 17.90 -28.21 -1.68
N PRO B 303 18.42 -27.57 -0.59
CA PRO B 303 19.18 -28.30 0.45
C PRO B 303 18.40 -29.24 1.36
N TRP B 304 17.06 -29.09 1.48
CA TRP B 304 16.15 -30.04 2.15
C TRP B 304 15.18 -30.65 1.13
N ASP B 305 14.78 -31.91 1.36
CA ASP B 305 13.89 -32.61 0.44
C ASP B 305 12.45 -32.30 0.84
N GLU B 306 11.51 -32.97 0.17
CA GLU B 306 10.08 -32.65 0.33
C GLU B 306 9.55 -33.06 1.71
N ASN B 307 10.33 -33.79 2.50
CA ASN B 307 9.94 -34.19 3.85
C ASN B 307 10.64 -33.34 4.89
N TYR B 308 11.26 -32.24 4.45
CA TYR B 308 12.02 -31.36 5.33
C TYR B 308 13.22 -32.07 5.96
N VAL B 309 13.82 -32.99 5.21
CA VAL B 309 15.01 -33.71 5.65
C VAL B 309 16.18 -33.19 4.83
N LYS B 310 17.26 -32.83 5.52
CA LYS B 310 18.46 -32.35 4.83
C LYS B 310 18.97 -33.32 3.76
N LYS B 311 19.45 -32.76 2.63
CA LYS B 311 20.12 -33.51 1.58
C LYS B 311 21.62 -33.25 1.68
N PRO B 312 22.51 -33.98 0.96
CA PRO B 312 23.94 -33.65 0.98
C PRO B 312 24.27 -32.17 0.71
N ALA B 313 23.47 -31.51 -0.14
CA ALA B 313 23.72 -30.10 -0.46
C ALA B 313 23.75 -29.22 0.80
N TYR B 314 23.03 -29.59 1.90
CA TYR B 314 23.13 -28.85 3.15
C TYR B 314 24.57 -28.86 3.66
N ASP B 315 25.21 -30.04 3.61
CA ASP B 315 26.58 -30.15 4.09
C ASP B 315 27.53 -29.50 3.10
N GLY B 316 27.21 -29.60 1.80
CA GLY B 316 27.96 -28.83 0.79
C GLY B 316 28.02 -27.34 1.14
N LEU B 317 26.85 -26.73 1.38
CA LEU B 317 26.84 -25.32 1.77
C LEU B 317 27.66 -25.10 3.04
N MET B 318 27.46 -25.97 4.04
CA MET B 318 28.20 -25.77 5.29
C MET B 318 29.71 -25.77 5.03
N ALA B 319 30.18 -26.71 4.21
CA ALA B 319 31.60 -26.83 3.85
C ALA B 319 32.08 -25.59 3.13
N GLY B 320 31.24 -25.05 2.22
CA GLY B 320 31.63 -23.87 1.46
C GLY B 320 31.68 -22.61 2.32
N LEU B 321 30.90 -22.61 3.40
CA LEU B 321 30.94 -21.49 4.33
C LEU B 321 32.01 -21.71 5.40
N GLY B 322 32.87 -22.71 5.18
CA GLY B 322 34.00 -22.94 6.06
C GLY B 322 33.59 -23.49 7.43
N ALA B 323 32.47 -24.22 7.49
CA ALA B 323 31.98 -24.83 8.73
C ALA B 323 31.58 -26.29 8.48
#